data_8J0G
#
_entry.id   8J0G
#
loop_
_entity.id
_entity.type
_entity.pdbx_description
1 polymer 'Delta-1-pyrroline-5-carboxylate synthase B'
2 non-polymer 'MAGNESIUM ION'
3 non-polymer 'GAMMA-L-GLUTAMIC ACID'
4 non-polymer "ADENOSINE-5'-TRIPHOSPHATE"
#
_entity_poly.entity_id   1
_entity_poly.type   'polypeptide(L)'
_entity_poly.pdbx_seq_one_letter_code
;MTEIDRSRAFAKDVKRIVVKVGTAVVTGKGGRLALGRLGAICEQLAELNSDGFEVILVSSGAVGLGRQRLRYRQLVNSSF
ADLQKPQMELDGKACAGVGQSSLMAYYETMFDQLDVTVAQMLVTDSSFRDKDFRKQLSETVKAMLRMRVIPVFNENDAIS
TRRAPYKDSTGIFWDNDSLAALLSLELKADLLILLSDVEGLYTGPPSDSTSKLIHTFIKEKHQDEITFGEKSKLGRGGMT
AKVKAAVNAAYGGVPVIITSGYAAENISKVLRGLRVGTLFHQDAHLWAPVVDTTSRDMAVAARESSRKLQALSSEDRKQI
LHDIANALEVNEKTIKAENDLDVAAAQEAGYEESLVARLVMKPGKISSLAASVRQLAEMEDPIGRVLKKTQVADDLILEK
TSSPIGVLLIVFESRPDALVQIASLAIRSGNGLLLKGGKEARRSNAILHKVITDAIPETVGGKLIGLVTSREEIPDLLKL
DDVIDLVIPRGSNKLVSQIKNSTKIPVLGHADGICHVYVDKSGKLDMAKRIVSDAKLDYPAACNAMETLLVHKDLEQNGF
LDDLIYVLQTKGVTLYGGPRASAKLNIPETKSFHHEYSSKACTVEIVEDVYGAIDHIHQHGSAHTDCIVTEDSEVAEIFL
RQVDSAAVFHNASTRFSDGFRFGLGAEVGISTSRIHARGPVGVEGLLTTRWIMRGKGQVVDGDNGIVYTHKDLPVLQRTE
AVENGI
;
_entity_poly.pdbx_strand_id   F,A,B,E
#
# COMPACT_ATOMS: atom_id res chain seq x y z
N TYR A 72 44.84 -10.44 1.76
CA TYR A 72 43.71 -10.85 0.95
C TYR A 72 42.67 -11.54 1.79
N ARG A 73 43.06 -12.54 2.54
CA ARG A 73 42.08 -13.26 3.32
C ARG A 73 41.37 -12.24 4.19
N GLN A 74 42.10 -11.28 4.73
CA GLN A 74 41.46 -10.25 5.53
C GLN A 74 40.42 -9.55 4.70
N LEU A 75 40.78 -9.17 3.49
CA LEU A 75 39.86 -8.48 2.62
C LEU A 75 38.65 -9.37 2.35
N VAL A 76 38.89 -10.65 2.15
CA VAL A 76 37.80 -11.55 1.83
C VAL A 76 36.97 -11.86 3.06
N ASN A 77 37.50 -11.56 4.23
CA ASN A 77 36.79 -11.83 5.47
C ASN A 77 36.41 -10.54 6.16
N SER A 78 36.14 -9.50 5.38
CA SER A 78 35.78 -8.21 5.96
C SER A 78 34.38 -7.79 5.58
N SER A 79 33.82 -6.82 6.30
CA SER A 79 32.49 -6.33 6.01
C SER A 79 32.57 -5.08 5.18
N PHE A 80 31.68 -4.93 4.21
CA PHE A 80 31.70 -3.72 3.44
C PHE A 80 31.76 -2.54 4.40
N ALA A 81 31.16 -2.67 5.56
CA ALA A 81 31.24 -1.61 6.55
C ALA A 81 32.64 -1.51 7.09
N ASP A 82 33.32 -2.65 7.24
CA ASP A 82 34.71 -2.62 7.67
C ASP A 82 35.55 -1.99 6.58
N LEU A 83 35.30 -2.40 5.35
CA LEU A 83 36.10 -1.89 4.25
C LEU A 83 36.01 -0.40 4.26
N GLN A 84 34.98 0.12 4.93
CA GLN A 84 34.82 1.56 5.03
C GLN A 84 35.71 2.09 6.15
N ARG B 69 30.61 11.54 2.20
CA ARG B 69 29.65 10.99 1.25
C ARG B 69 30.29 10.45 -0.01
N LEU B 70 31.28 11.16 -0.54
CA LEU B 70 31.91 10.73 -1.79
C LEU B 70 32.70 9.46 -1.57
N ARG B 71 33.31 9.31 -0.41
CA ARG B 71 34.03 8.09 -0.11
C ARG B 71 33.04 6.94 -0.03
N TYR B 72 31.91 7.17 0.61
CA TYR B 72 30.92 6.13 0.62
C TYR B 72 30.57 5.75 -0.81
N ARG B 73 30.34 6.72 -1.67
CA ARG B 73 29.91 6.38 -3.03
C ARG B 73 30.99 5.60 -3.75
N GLN B 74 32.24 5.99 -3.57
CA GLN B 74 33.35 5.30 -4.19
C GLN B 74 33.39 3.85 -3.74
N LEU B 75 33.28 3.61 -2.43
CA LEU B 75 33.26 2.25 -1.93
C LEU B 75 32.06 1.44 -2.42
N VAL B 76 30.92 2.08 -2.58
CA VAL B 76 29.74 1.37 -3.07
C VAL B 76 29.95 0.97 -4.50
N ASN B 77 30.63 1.81 -5.28
CA ASN B 77 30.77 1.47 -6.70
C ASN B 77 32.02 0.65 -6.99
N SER B 78 32.96 0.62 -6.05
CA SER B 78 34.22 -0.09 -6.31
C SER B 78 34.03 -1.58 -6.54
N SER B 79 35.04 -2.23 -7.13
CA SER B 79 34.98 -3.67 -7.33
C SER B 79 36.00 -4.30 -6.42
N PHE B 80 35.63 -5.38 -5.74
CA PHE B 80 36.53 -5.98 -4.75
C PHE B 80 37.96 -6.04 -5.22
N ALA B 81 38.19 -6.38 -6.47
CA ALA B 81 39.54 -6.38 -7.00
C ALA B 81 40.21 -5.00 -6.94
N ASP B 82 39.46 -3.98 -6.54
CA ASP B 82 40.01 -2.62 -6.51
C ASP B 82 40.26 -2.17 -5.08
N LEU B 83 39.76 -2.94 -4.13
CA LEU B 83 40.00 -2.61 -2.73
C LEU B 83 41.39 -3.11 -2.29
N GLN B 84 42.11 -3.84 -3.14
CA GLN B 84 43.48 -4.21 -2.78
C GLN B 84 44.44 -3.08 -3.10
N LYS B 85 44.35 -2.53 -4.32
CA LYS B 85 45.18 -1.39 -4.69
C LYS B 85 44.69 -0.14 -3.95
N ARG C 8 -23.96 7.84 -10.72
CA ARG C 8 -22.93 8.57 -10.00
C ARG C 8 -23.50 9.86 -9.40
N ALA C 9 -24.81 9.86 -9.14
CA ALA C 9 -25.45 11.03 -8.57
C ALA C 9 -25.04 11.31 -7.14
N PHE C 10 -24.50 10.32 -6.43
CA PHE C 10 -24.11 10.51 -5.04
C PHE C 10 -22.89 11.41 -4.89
N ALA C 11 -22.19 11.71 -5.99
CA ALA C 11 -20.92 12.43 -5.89
C ALA C 11 -21.10 13.84 -5.35
N LYS C 12 -22.32 14.38 -5.44
CA LYS C 12 -22.56 15.74 -4.93
C LYS C 12 -22.53 15.76 -3.40
N ASP C 13 -23.24 14.84 -2.77
CA ASP C 13 -23.39 14.84 -1.31
C ASP C 13 -22.46 13.82 -0.65
N VAL C 14 -21.15 14.05 -0.77
CA VAL C 14 -20.16 13.24 -0.08
C VAL C 14 -19.15 14.17 0.58
N LYS C 15 -18.98 14.01 1.90
CA LYS C 15 -18.04 14.82 2.66
C LYS C 15 -17.21 13.98 3.62
N ARG C 16 -17.11 12.68 3.37
CA ARG C 16 -16.26 11.80 4.16
C ARG C 16 -15.91 10.60 3.27
N ILE C 17 -14.68 10.55 2.80
CA ILE C 17 -14.25 9.49 1.89
C ILE C 17 -13.07 8.75 2.50
N VAL C 18 -12.91 7.49 2.11
CA VAL C 18 -11.85 6.61 2.61
C VAL C 18 -11.13 6.05 1.38
N VAL C 19 -10.04 6.71 0.98
CA VAL C 19 -9.24 6.24 -0.15
C VAL C 19 -8.30 5.15 0.35
N LYS C 20 -7.67 4.40 -0.55
CA LYS C 20 -6.80 3.30 -0.13
C LYS C 20 -5.77 2.91 -1.18
N VAL C 21 -4.51 3.25 -0.93
CA VAL C 21 -3.45 2.90 -1.87
C VAL C 21 -2.82 1.56 -1.54
N GLY C 22 -2.94 0.59 -2.46
CA GLY C 22 -2.35 -0.72 -2.23
C GLY C 22 -0.85 -0.72 -2.38
N THR C 23 -0.19 -1.79 -1.94
CA THR C 23 1.25 -1.88 -2.04
C THR C 23 1.71 -1.72 -3.47
N ALA C 24 0.93 -2.25 -4.40
CA ALA C 24 1.30 -2.15 -5.80
C ALA C 24 1.39 -0.69 -6.23
N VAL C 25 0.43 0.13 -5.80
CA VAL C 25 0.45 1.54 -6.12
C VAL C 25 1.62 2.25 -5.44
N VAL C 26 1.85 1.96 -4.18
CA VAL C 26 2.91 2.63 -3.43
C VAL C 26 4.31 2.28 -3.90
N THR C 27 4.58 0.99 -4.12
CA THR C 27 5.93 0.57 -4.50
C THR C 27 6.05 0.21 -5.97
N GLY C 28 7.13 0.66 -6.61
CA GLY C 28 7.32 0.37 -8.02
C GLY C 28 8.37 -0.69 -8.28
N LYS C 29 9.64 -0.34 -8.12
CA LYS C 29 10.71 -1.30 -8.40
C LYS C 29 11.70 -1.42 -7.24
N GLY C 30 12.05 -2.64 -6.88
CA GLY C 30 13.02 -2.84 -5.81
C GLY C 30 12.72 -2.08 -4.54
N GLY C 31 11.53 -2.29 -3.99
CA GLY C 31 11.16 -1.63 -2.76
C GLY C 31 11.46 -0.15 -2.79
N ARG C 32 11.18 0.49 -3.92
CA ARG C 32 11.40 1.92 -4.03
C ARG C 32 10.07 2.64 -4.08
N LEU C 33 9.81 3.50 -3.10
CA LEU C 33 8.54 4.20 -3.06
C LEU C 33 8.29 4.85 -4.40
N ALA C 34 7.09 4.69 -4.93
CA ALA C 34 6.76 5.28 -6.21
C ALA C 34 6.60 6.77 -6.00
N LEU C 35 7.72 7.47 -5.92
CA LEU C 35 7.67 8.91 -5.69
C LEU C 35 6.76 9.56 -6.71
N GLY C 36 6.76 9.02 -7.93
CA GLY C 36 5.90 9.56 -8.97
C GLY C 36 4.43 9.41 -8.68
N ARG C 37 4.01 8.23 -8.24
CA ARG C 37 2.60 7.98 -7.98
C ARG C 37 2.21 8.54 -6.63
N LEU C 38 3.02 8.26 -5.62
CA LEU C 38 2.69 8.68 -4.27
C LEU C 38 2.61 10.21 -4.17
N GLY C 39 3.51 10.91 -4.86
CA GLY C 39 3.46 12.36 -4.85
C GLY C 39 2.18 12.90 -5.44
N ALA C 40 1.78 12.37 -6.60
CA ALA C 40 0.55 12.83 -7.23
C ALA C 40 -0.67 12.52 -6.36
N ILE C 41 -0.71 11.31 -5.78
CA ILE C 41 -1.84 10.95 -4.93
C ILE C 41 -1.91 11.84 -3.70
N CYS C 42 -0.76 12.12 -3.07
CA CYS C 42 -0.74 13.00 -1.91
C CYS C 42 -1.15 14.41 -2.27
N GLU C 43 -0.69 14.92 -3.41
CA GLU C 43 -1.07 16.26 -3.83
C GLU C 43 -2.58 16.34 -4.07
N GLN C 44 -3.15 15.34 -4.73
CA GLN C 44 -4.60 15.33 -4.95
C GLN C 44 -5.35 15.24 -3.64
N LEU C 45 -4.85 14.43 -2.70
CA LEU C 45 -5.52 14.32 -1.40
C LEU C 45 -5.45 15.63 -0.63
N ALA C 46 -4.32 16.33 -0.71
CA ALA C 46 -4.22 17.62 -0.04
C ALA C 46 -5.17 18.65 -0.65
N GLU C 47 -5.24 18.68 -1.99
CA GLU C 47 -6.18 19.58 -2.64
C GLU C 47 -7.63 19.24 -2.25
N LEU C 48 -7.95 17.95 -2.16
CA LEU C 48 -9.30 17.57 -1.76
C LEU C 48 -9.58 18.00 -0.33
N ASN C 49 -8.63 17.77 0.56
CA ASN C 49 -8.82 18.13 1.96
C ASN C 49 -9.16 19.62 2.08
N SER C 50 -8.44 20.45 1.33
CA SER C 50 -8.68 21.89 1.39
C SER C 50 -10.07 22.26 0.94
N ASP C 51 -10.65 21.46 0.05
CA ASP C 51 -11.97 21.75 -0.48
C ASP C 51 -13.06 21.21 0.43
N GLY C 52 -12.77 21.11 1.72
CA GLY C 52 -13.75 20.62 2.67
C GLY C 52 -14.16 19.17 2.44
N PHE C 53 -13.20 18.27 2.55
CA PHE C 53 -13.50 16.85 2.40
C PHE C 53 -12.76 16.01 3.43
N GLU C 54 -13.50 15.36 4.32
CA GLU C 54 -12.89 14.50 5.32
C GLU C 54 -12.20 13.33 4.62
N VAL C 55 -10.88 13.38 4.53
CA VAL C 55 -10.17 12.34 3.79
C VAL C 55 -9.40 11.40 4.71
N ILE C 56 -9.89 10.18 4.83
CA ILE C 56 -9.20 9.18 5.64
C ILE C 56 -8.41 8.28 4.69
N LEU C 57 -7.12 8.14 4.97
CA LEU C 57 -6.22 7.41 4.09
C LEU C 57 -5.82 6.10 4.76
N VAL C 58 -6.07 5.00 4.08
CA VAL C 58 -5.66 3.67 4.53
C VAL C 58 -4.60 3.17 3.57
N SER C 59 -3.35 3.20 4.00
CA SER C 59 -2.21 2.91 3.13
C SER C 59 -1.64 1.54 3.44
N SER C 60 -0.91 1.00 2.46
CA SER C 60 -0.22 -0.26 2.61
C SER C 60 1.03 -0.24 1.75
N GLY C 61 1.99 -1.08 2.10
CA GLY C 61 3.25 -1.12 1.38
C GLY C 61 4.43 -1.07 2.30
N ALA C 62 4.18 -1.10 3.61
CA ALA C 62 5.27 -1.09 4.58
C ALA C 62 6.12 -2.35 4.48
N VAL C 63 5.49 -3.49 4.17
CA VAL C 63 6.23 -4.75 4.11
C VAL C 63 7.29 -4.68 3.01
N GLY C 64 6.93 -4.15 1.84
CA GLY C 64 7.90 -4.08 0.76
C GLY C 64 9.08 -3.17 1.07
N LEU C 65 8.80 -1.99 1.63
CA LEU C 65 9.86 -1.07 1.99
C LEU C 65 10.76 -1.67 3.06
N GLY C 66 10.16 -2.30 4.07
CA GLY C 66 10.96 -2.96 5.09
C GLY C 66 11.83 -4.06 4.51
N ARG C 67 11.27 -4.85 3.59
CA ARG C 67 12.04 -5.91 2.96
C ARG C 67 13.22 -5.34 2.19
N GLN C 68 13.00 -4.27 1.43
CA GLN C 68 14.10 -3.69 0.65
C GLN C 68 15.19 -3.12 1.56
N ARG C 69 14.79 -2.36 2.58
CA ARG C 69 15.78 -1.73 3.44
C ARG C 69 16.53 -2.76 4.28
N LEU C 70 15.84 -3.80 4.74
CA LEU C 70 16.53 -4.84 5.49
C LEU C 70 17.39 -5.70 4.58
N ARG C 71 17.12 -5.73 3.28
CA ARG C 71 18.03 -6.43 2.38
C ARG C 71 19.34 -5.67 2.38
N TYR C 72 19.30 -4.39 2.02
CA TYR C 72 20.52 -3.58 1.99
C TYR C 72 21.17 -3.50 3.35
N ARG C 73 20.41 -3.73 4.40
CA ARG C 73 21.00 -3.72 5.73
C ARG C 73 21.53 -5.08 6.07
N GLN C 74 21.53 -5.99 5.10
CA GLN C 74 22.13 -7.28 5.34
C GLN C 74 23.43 -7.27 4.58
N LEU C 75 23.39 -6.86 3.33
CA LEU C 75 24.59 -6.86 2.51
C LEU C 75 25.66 -5.89 3.04
N VAL C 76 25.26 -4.75 3.59
CA VAL C 76 26.23 -3.84 4.18
C VAL C 76 26.83 -4.45 5.42
N ASN C 77 26.02 -5.21 6.15
CA ASN C 77 26.52 -5.86 7.35
C ASN C 77 26.69 -7.35 7.09
N SER C 78 27.36 -7.70 6.01
CA SER C 78 27.61 -9.10 5.72
C SER C 78 29.07 -9.32 5.43
N SER C 79 29.53 -10.55 5.58
CA SER C 79 30.92 -10.87 5.28
C SER C 79 30.93 -11.48 3.90
N PHE C 80 31.99 -11.29 3.14
CA PHE C 80 32.03 -11.79 1.76
C PHE C 80 31.62 -13.24 1.72
N ALA C 81 32.05 -14.00 2.70
CA ALA C 81 31.69 -15.41 2.75
C ALA C 81 30.19 -15.53 2.73
N ASP C 82 29.52 -14.64 3.46
CA ASP C 82 28.07 -14.69 3.52
C ASP C 82 27.47 -14.58 2.12
N LEU C 83 28.05 -13.71 1.30
CA LEU C 83 27.50 -13.49 -0.03
C LEU C 83 27.56 -14.76 -0.88
N GLN C 84 28.22 -15.79 -0.36
CA GLN C 84 28.34 -17.04 -1.11
C GLN C 84 26.99 -17.72 -1.37
N LYS C 85 26.14 -17.81 -0.36
CA LYS C 85 24.84 -18.48 -0.52
C LYS C 85 23.66 -17.51 -0.36
N PRO C 86 22.76 -17.48 -1.35
CA PRO C 86 21.59 -16.60 -1.27
C PRO C 86 20.99 -16.58 0.12
N GLN C 87 20.88 -15.40 0.72
CA GLN C 87 20.36 -15.27 2.07
C GLN C 87 18.91 -15.69 2.17
N MET C 88 18.45 -16.10 3.34
CA MET C 88 17.09 -16.63 3.43
C MET C 88 16.06 -15.54 3.66
N GLU C 89 14.87 -15.92 4.09
CA GLU C 89 13.85 -14.93 4.39
C GLU C 89 14.35 -13.92 5.41
N LEU C 90 14.00 -12.65 5.25
CA LEU C 90 14.41 -11.64 6.21
C LEU C 90 13.64 -11.80 7.52
N ASP C 91 12.30 -11.75 7.45
CA ASP C 91 11.48 -11.98 8.64
C ASP C 91 10.02 -12.01 8.27
N GLY C 92 9.18 -12.50 9.17
CA GLY C 92 7.74 -12.53 8.92
C GLY C 92 7.03 -11.29 9.42
N LYS C 93 7.73 -10.48 10.22
CA LYS C 93 7.10 -9.29 10.79
C LYS C 93 8.02 -8.08 10.89
N ALA C 94 9.33 -8.30 10.96
CA ALA C 94 10.25 -7.15 11.14
C ALA C 94 10.37 -6.26 9.92
N CYS C 95 10.33 -6.90 8.75
CA CYS C 95 10.38 -6.11 7.55
C CYS C 95 9.21 -5.17 7.67
N ALA C 96 8.04 -5.71 7.98
CA ALA C 96 6.85 -4.88 8.16
C ALA C 96 7.10 -3.73 9.10
N GLY C 97 7.55 -4.02 10.31
CA GLY C 97 7.89 -2.90 11.19
C GLY C 97 8.73 -1.79 10.54
N VAL C 98 9.92 -2.14 10.05
CA VAL C 98 10.81 -1.12 9.47
C VAL C 98 10.12 -0.36 8.36
N GLY C 99 9.40 -1.07 7.50
CA GLY C 99 8.73 -0.44 6.39
C GLY C 99 7.64 0.52 6.79
N GLN C 100 6.83 0.18 7.79
CA GLN C 100 5.83 1.12 8.26
C GLN C 100 6.55 2.34 8.77
N SER C 101 7.60 2.14 9.55
CA SER C 101 8.31 3.35 9.95
C SER C 101 8.65 4.21 8.74
N SER C 102 9.32 3.62 7.74
CA SER C 102 9.75 4.40 6.58
C SER C 102 8.62 5.09 5.85
N LEU C 103 7.50 4.40 5.67
CA LEU C 103 6.37 4.98 4.97
C LEU C 103 5.79 6.15 5.74
N MET C 104 5.62 6.01 7.04
CA MET C 104 5.10 7.16 7.75
C MET C 104 6.07 8.32 7.58
N ALA C 105 7.37 8.01 7.66
CA ALA C 105 8.35 9.07 7.50
C ALA C 105 8.15 9.80 6.19
N TYR C 106 8.07 9.05 5.11
CA TYR C 106 7.89 9.66 3.80
C TYR C 106 6.65 10.52 3.80
N TYR C 107 5.52 9.96 4.20
CA TYR C 107 4.29 10.73 4.13
C TYR C 107 4.50 12.05 4.85
N GLU C 108 5.04 12.03 6.07
CA GLU C 108 5.20 13.28 6.77
C GLU C 108 5.98 14.24 5.90
N THR C 109 7.19 13.86 5.53
CA THR C 109 8.04 14.75 4.73
C THR C 109 7.25 15.36 3.57
N MET C 110 6.43 14.56 2.90
CA MET C 110 5.67 15.09 1.77
C MET C 110 4.53 16.01 2.22
N PHE C 111 3.81 15.63 3.27
CA PHE C 111 2.69 16.44 3.71
C PHE C 111 3.11 17.67 4.49
N ASP C 112 4.40 17.78 4.85
CA ASP C 112 4.91 19.00 5.46
C ASP C 112 5.26 20.06 4.43
N GLN C 113 5.08 19.75 3.14
CA GLN C 113 5.25 20.74 2.08
C GLN C 113 3.95 21.42 1.70
N LEU C 114 2.83 20.71 1.74
CA LEU C 114 1.51 21.28 1.47
C LEU C 114 0.74 21.60 2.75
N ASP C 115 1.37 21.44 3.92
CA ASP C 115 0.79 21.81 5.20
C ASP C 115 -0.53 21.09 5.48
N VAL C 116 -0.43 19.76 5.59
CA VAL C 116 -1.53 18.93 6.06
C VAL C 116 -0.96 17.94 7.06
N THR C 117 -1.53 17.93 8.27
CA THR C 117 -1.02 17.09 9.35
C THR C 117 -1.66 15.70 9.28
N VAL C 118 -0.87 14.69 9.61
CA VAL C 118 -1.31 13.30 9.58
C VAL C 118 -0.99 12.65 10.92
N ALA C 119 -1.71 11.57 11.21
CA ALA C 119 -1.53 10.82 12.44
C ALA C 119 -1.39 9.33 12.12
N GLN C 120 -0.48 8.68 12.84
CA GLN C 120 -0.26 7.24 12.70
C GLN C 120 -1.24 6.51 13.60
N MET C 121 -2.35 6.06 13.03
CA MET C 121 -3.31 5.23 13.73
C MET C 121 -3.19 3.80 13.21
N LEU C 122 -2.68 2.91 14.05
CA LEU C 122 -2.47 1.51 13.69
C LEU C 122 -3.38 0.64 14.56
N VAL C 123 -4.14 -0.25 13.92
CA VAL C 123 -5.16 -1.03 14.59
C VAL C 123 -4.97 -2.50 14.23
N THR C 124 -5.10 -3.37 15.22
CA THR C 124 -4.99 -4.80 15.01
C THR C 124 -6.38 -5.44 14.99
N ASP C 125 -6.44 -6.71 14.55
CA ASP C 125 -7.70 -7.44 14.54
C ASP C 125 -8.19 -7.73 15.95
N SER C 126 -7.26 -8.00 16.86
CA SER C 126 -7.63 -8.25 18.25
C SER C 126 -8.08 -6.98 18.94
N SER C 127 -7.42 -5.86 18.65
CA SER C 127 -7.86 -4.60 19.22
C SER C 127 -9.27 -4.36 18.78
N PHE C 128 -9.56 -4.64 17.50
CA PHE C 128 -10.93 -4.52 17.03
C PHE C 128 -11.70 -5.67 17.61
N ARG C 129 -13.02 -5.67 17.42
CA ARG C 129 -13.84 -6.75 17.92
C ARG C 129 -13.83 -6.72 19.44
N ASP C 130 -13.04 -5.83 20.02
CA ASP C 130 -13.06 -5.69 21.46
C ASP C 130 -14.17 -4.69 21.76
N LYS C 131 -15.26 -5.15 22.37
CA LYS C 131 -16.32 -4.23 22.71
C LYS C 131 -15.74 -2.94 23.27
N ASP C 132 -16.37 -1.80 22.99
CA ASP C 132 -15.89 -0.51 23.50
C ASP C 132 -14.69 0.03 22.73
N PHE C 133 -14.14 -0.76 21.81
CA PHE C 133 -13.05 -0.27 20.98
C PHE C 133 -13.60 0.28 19.70
N ARG C 134 -14.57 -0.41 19.13
CA ARG C 134 -15.16 0.02 17.87
C ARG C 134 -15.78 1.38 18.06
N LYS C 135 -15.83 1.86 19.30
CA LYS C 135 -16.34 3.20 19.58
C LYS C 135 -15.19 4.16 19.77
N GLN C 136 -14.36 3.94 20.79
CA GLN C 136 -13.32 4.93 21.00
C GLN C 136 -12.61 5.25 19.68
N LEU C 137 -12.29 4.23 18.89
CA LEU C 137 -11.66 4.55 17.62
C LEU C 137 -12.55 5.49 16.88
N SER C 138 -13.83 5.13 16.76
CA SER C 138 -14.76 6.04 16.11
C SER C 138 -14.60 7.50 16.56
N GLU C 139 -14.79 7.76 17.85
CA GLU C 139 -14.74 9.18 18.30
C GLU C 139 -13.39 9.86 18.02
N THR C 140 -12.31 9.14 18.26
CA THR C 140 -11.00 9.71 17.99
C THR C 140 -10.90 10.15 16.55
N VAL C 141 -11.23 9.24 15.64
CA VAL C 141 -11.10 9.57 14.23
C VAL C 141 -11.97 10.76 13.91
N LYS C 142 -13.20 10.78 14.42
CA LYS C 142 -14.04 11.95 14.19
C LYS C 142 -13.38 13.29 14.61
N ALA C 143 -12.91 13.39 15.86
CA ALA C 143 -12.23 14.64 16.25
C ALA C 143 -10.99 14.99 15.40
N MET C 144 -10.22 13.96 15.05
CA MET C 144 -9.04 14.23 14.27
C MET C 144 -9.43 14.76 12.89
N LEU C 145 -10.48 14.22 12.28
CA LEU C 145 -10.94 14.74 11.00
C LEU C 145 -11.42 16.16 11.16
N ARG C 146 -12.07 16.47 12.28
CA ARG C 146 -12.61 17.82 12.51
C ARG C 146 -11.56 18.93 12.56
N MET C 147 -10.37 18.65 13.06
CA MET C 147 -9.30 19.65 13.06
C MET C 147 -8.55 19.59 11.74
N ARG C 148 -9.26 19.33 10.66
CA ARG C 148 -8.64 19.23 9.33
C ARG C 148 -7.37 18.39 9.30
N VAL C 149 -7.40 17.23 9.94
CA VAL C 149 -6.26 16.32 9.92
C VAL C 149 -6.61 15.07 9.14
N ILE C 150 -5.66 14.52 8.41
CA ILE C 150 -5.87 13.33 7.58
C ILE C 150 -5.26 12.15 8.34
N PRO C 151 -6.06 11.20 8.81
CA PRO C 151 -5.48 9.98 9.40
C PRO C 151 -4.86 9.09 8.35
N VAL C 152 -3.83 8.36 8.75
CA VAL C 152 -3.20 7.35 7.90
C VAL C 152 -3.34 6.02 8.64
N PHE C 153 -4.41 5.30 8.35
CA PHE C 153 -4.66 4.01 8.97
C PHE C 153 -3.76 2.94 8.37
N ASN C 154 -3.58 1.85 9.11
CA ASN C 154 -2.85 0.69 8.63
C ASN C 154 -3.15 -0.49 9.57
N GLU C 155 -2.61 -1.65 9.21
CA GLU C 155 -2.71 -2.85 10.03
C GLU C 155 -1.35 -3.14 10.63
N ASN C 156 -1.26 -3.21 11.95
CA ASN C 156 0.01 -3.46 12.60
C ASN C 156 0.44 -4.91 12.40
N ASP C 157 1.46 -5.13 11.57
CA ASP C 157 1.89 -6.49 11.28
C ASP C 157 3.14 -6.85 12.04
N ALA C 158 3.51 -6.02 13.01
CA ALA C 158 4.75 -6.28 13.74
C ALA C 158 4.49 -6.73 15.16
N ILE C 159 3.29 -6.49 15.66
CA ILE C 159 2.96 -6.89 17.02
C ILE C 159 1.75 -7.78 17.02
N SER C 160 1.34 -8.20 15.83
CA SER C 160 0.19 -9.05 15.72
C SER C 160 0.63 -10.44 16.13
N THR C 161 -0.28 -11.40 16.04
CA THR C 161 0.09 -12.77 16.37
C THR C 161 -0.64 -13.71 15.42
N ARG C 162 -1.24 -13.16 14.38
CA ARG C 162 -1.90 -14.00 13.39
C ARG C 162 -0.86 -14.67 12.55
N ARG C 163 0.21 -13.96 12.23
CA ARG C 163 1.28 -14.50 11.39
C ARG C 163 0.83 -14.68 9.95
N THR C 170 -11.45 -13.58 10.49
CA THR C 170 -12.65 -12.89 10.98
C THR C 170 -12.37 -11.41 11.23
N GLY C 171 -13.41 -10.59 11.24
CA GLY C 171 -13.21 -9.16 11.39
C GLY C 171 -12.44 -8.66 10.19
N ILE C 172 -11.28 -8.06 10.42
CA ILE C 172 -10.44 -7.61 9.32
C ILE C 172 -9.98 -8.84 8.58
N PHE C 173 -9.65 -8.75 7.31
CA PHE C 173 -9.28 -9.98 6.60
C PHE C 173 -7.80 -10.02 6.33
N TRP C 174 -7.02 -9.59 7.31
CA TRP C 174 -5.57 -9.57 7.15
C TRP C 174 -5.21 -8.82 5.89
N ASP C 175 -6.01 -7.81 5.55
CA ASP C 175 -5.72 -6.99 4.39
C ASP C 175 -6.24 -5.58 4.60
N ASN C 176 -5.48 -4.59 4.18
CA ASN C 176 -5.90 -3.21 4.35
C ASN C 176 -7.17 -2.92 3.55
N ASP C 177 -7.38 -3.66 2.47
CA ASP C 177 -8.56 -3.47 1.65
C ASP C 177 -9.82 -3.72 2.47
N SER C 178 -9.85 -4.83 3.20
CA SER C 178 -11.00 -5.12 4.05
C SER C 178 -10.98 -4.17 5.22
N LEU C 179 -9.78 -3.93 5.76
CA LEU C 179 -9.65 -2.97 6.84
C LEU C 179 -10.35 -1.70 6.42
N ALA C 180 -10.09 -1.26 5.20
CA ALA C 180 -10.76 -0.09 4.68
C ALA C 180 -12.24 -0.29 4.83
N ALA C 181 -12.77 -1.40 4.33
CA ALA C 181 -14.21 -1.59 4.41
C ALA C 181 -14.71 -1.42 5.83
N LEU C 182 -14.14 -2.14 6.78
CA LEU C 182 -14.66 -2.08 8.15
C LEU C 182 -14.60 -0.66 8.68
N LEU C 183 -13.44 -0.03 8.55
CA LEU C 183 -13.29 1.31 9.06
C LEU C 183 -14.36 2.20 8.48
N SER C 184 -14.53 2.18 7.17
CA SER C 184 -15.52 3.02 6.51
C SER C 184 -16.91 2.82 7.11
N LEU C 185 -17.31 1.58 7.29
CA LEU C 185 -18.62 1.29 7.87
C LEU C 185 -18.68 1.84 9.29
N GLU C 186 -17.63 1.59 10.07
CA GLU C 186 -17.60 2.04 11.45
C GLU C 186 -17.57 3.56 11.56
N LEU C 187 -16.69 4.21 10.80
CA LEU C 187 -16.56 5.65 10.87
C LEU C 187 -17.70 6.32 10.13
N LYS C 188 -18.64 5.53 9.62
CA LYS C 188 -19.78 6.07 8.90
C LYS C 188 -19.32 6.96 7.77
N ALA C 189 -18.55 6.40 6.83
CA ALA C 189 -18.06 7.19 5.72
C ALA C 189 -19.06 7.21 4.57
N ASP C 190 -18.88 8.13 3.64
CA ASP C 190 -19.80 8.25 2.53
C ASP C 190 -19.33 7.42 1.35
N LEU C 191 -18.02 7.40 1.11
CA LEU C 191 -17.49 6.65 -0.02
C LEU C 191 -16.17 5.98 0.31
N LEU C 192 -15.90 4.83 -0.30
CA LEU C 192 -14.64 4.15 -0.09
C LEU C 192 -14.01 3.86 -1.44
N ILE C 193 -12.83 4.40 -1.69
CA ILE C 193 -12.13 4.26 -2.96
C ILE C 193 -11.01 3.24 -2.79
N LEU C 194 -10.79 2.43 -3.82
CA LEU C 194 -9.90 1.28 -3.77
C LEU C 194 -8.88 1.33 -4.89
N LEU C 195 -8.18 2.46 -5.00
CA LEU C 195 -7.15 2.68 -6.02
C LEU C 195 -6.27 1.47 -6.21
N SER C 196 -6.17 1.00 -7.45
CA SER C 196 -5.39 -0.18 -7.79
C SER C 196 -4.62 0.10 -9.07
N ASP C 197 -3.90 -0.92 -9.56
CA ASP C 197 -3.12 -0.76 -10.78
C ASP C 197 -4.00 -0.75 -12.01
N VAL C 198 -5.03 -1.59 -12.03
CA VAL C 198 -5.93 -1.69 -13.19
C VAL C 198 -6.91 -0.54 -13.17
N GLU C 199 -7.63 -0.35 -14.28
CA GLU C 199 -8.62 0.70 -14.41
C GLU C 199 -9.95 0.34 -13.80
N GLY C 200 -10.08 -0.85 -13.24
CA GLY C 200 -11.31 -1.25 -12.58
C GLY C 200 -11.42 -2.76 -12.54
N LEU C 201 -12.58 -3.22 -12.08
CA LEU C 201 -12.86 -4.65 -12.03
C LEU C 201 -13.24 -5.12 -13.43
N TYR C 202 -12.38 -5.92 -14.04
CA TYR C 202 -12.63 -6.46 -15.37
C TYR C 202 -13.44 -7.75 -15.24
N THR C 203 -13.59 -8.46 -16.36
CA THR C 203 -14.31 -9.73 -16.39
C THR C 203 -13.35 -10.92 -16.34
N GLY C 204 -12.18 -10.74 -15.73
CA GLY C 204 -11.18 -11.77 -15.65
C GLY C 204 -9.78 -11.19 -15.67
N PRO C 205 -8.92 -11.73 -16.52
CA PRO C 205 -7.60 -11.14 -16.71
C PRO C 205 -7.64 -10.06 -17.77
N PRO C 206 -7.11 -8.87 -17.48
CA PRO C 206 -7.24 -7.75 -18.43
C PRO C 206 -6.43 -7.91 -19.70
N SER C 207 -5.46 -8.82 -19.73
CA SER C 207 -4.56 -8.91 -20.89
C SER C 207 -5.33 -9.30 -22.15
N ASP C 208 -6.09 -10.38 -22.09
CA ASP C 208 -6.85 -10.84 -23.25
C ASP C 208 -8.02 -9.91 -23.53
N SER C 209 -8.38 -9.81 -24.81
CA SER C 209 -9.48 -8.94 -25.22
C SER C 209 -10.85 -9.49 -24.88
N THR C 210 -10.94 -10.75 -24.45
CA THR C 210 -12.24 -11.32 -24.07
C THR C 210 -12.78 -10.63 -22.83
N SER C 211 -11.93 -10.34 -21.84
CA SER C 211 -12.38 -9.68 -20.63
C SER C 211 -12.67 -8.22 -20.91
N LYS C 212 -13.82 -7.74 -20.44
CA LYS C 212 -14.27 -6.38 -20.70
C LYS C 212 -14.57 -5.66 -19.39
N LEU C 213 -14.19 -4.38 -19.33
CA LEU C 213 -14.45 -3.57 -18.15
C LEU C 213 -15.94 -3.34 -17.98
N ILE C 214 -16.39 -3.32 -16.74
CA ILE C 214 -17.79 -3.07 -16.40
C ILE C 214 -17.87 -1.83 -15.51
N HIS C 215 -19.05 -1.23 -15.44
CA HIS C 215 -19.23 0.03 -14.75
C HIS C 215 -20.20 -0.03 -13.58
N THR C 216 -20.83 -1.17 -13.32
CA THR C 216 -21.70 -1.31 -12.16
C THR C 216 -21.78 -2.78 -11.78
N PHE C 217 -21.59 -3.06 -10.49
CA PHE C 217 -21.55 -4.44 -9.99
C PHE C 217 -22.95 -4.87 -9.58
N ILE C 218 -23.64 -5.52 -10.53
CA ILE C 218 -24.94 -6.10 -10.22
C ILE C 218 -24.73 -7.37 -9.41
N LYS C 219 -25.51 -7.54 -8.34
CA LYS C 219 -25.32 -8.65 -7.42
C LYS C 219 -25.44 -10.00 -8.13
N GLU C 220 -26.51 -10.17 -8.91
CA GLU C 220 -26.80 -11.47 -9.54
C GLU C 220 -26.35 -11.54 -10.99
N LYS C 221 -25.44 -10.67 -11.41
CA LYS C 221 -24.94 -10.71 -12.78
C LYS C 221 -23.45 -10.98 -12.81
N HIS C 222 -22.68 -10.21 -12.03
CA HIS C 222 -21.22 -10.31 -12.05
C HIS C 222 -20.70 -11.26 -10.98
N GLN C 223 -21.23 -12.48 -10.94
CA GLN C 223 -20.73 -13.52 -10.04
C GLN C 223 -20.68 -14.86 -10.78
N ASP C 224 -20.54 -14.81 -12.11
CA ASP C 224 -20.40 -16.02 -12.90
C ASP C 224 -19.27 -15.93 -13.92
N GLU C 225 -18.72 -14.75 -14.17
CA GLU C 225 -17.66 -14.56 -15.14
C GLU C 225 -16.49 -13.81 -14.52
N ILE C 226 -16.37 -13.89 -13.19
CA ILE C 226 -15.28 -13.22 -12.49
C ILE C 226 -14.43 -14.28 -11.79
N THR C 227 -13.39 -14.75 -12.49
CA THR C 227 -12.47 -15.77 -12.00
C THR C 227 -11.41 -15.20 -11.05
N PHE C 228 -11.28 -13.87 -11.05
CA PHE C 228 -10.21 -13.16 -10.33
C PHE C 228 -8.85 -13.65 -10.81
N GLY C 229 -8.77 -13.86 -12.11
CA GLY C 229 -7.55 -14.37 -12.72
C GLY C 229 -7.40 -15.86 -12.51
N GLU C 230 -6.98 -16.57 -13.54
CA GLU C 230 -6.74 -17.98 -13.35
C GLU C 230 -5.68 -18.04 -12.29
N LYS C 231 -5.08 -16.89 -12.03
CA LYS C 231 -4.05 -16.82 -11.02
C LYS C 231 -4.65 -16.44 -9.68
N SER C 232 -4.43 -17.25 -8.65
CA SER C 232 -4.91 -16.90 -7.32
C SER C 232 -3.79 -16.16 -6.58
N LYS C 233 -3.99 -14.89 -6.31
CA LYS C 233 -2.97 -14.08 -5.64
C LYS C 233 -2.66 -14.63 -4.26
N LEU C 234 -3.68 -14.79 -3.43
CA LEU C 234 -3.50 -15.35 -2.09
C LEU C 234 -2.79 -14.39 -1.14
N GLY C 235 -1.59 -13.96 -1.50
CA GLY C 235 -0.83 -13.10 -0.60
C GLY C 235 -1.59 -11.85 -0.22
N ARG C 236 -2.12 -11.14 -1.21
CA ARG C 236 -2.90 -9.95 -0.94
C ARG C 236 -4.34 -10.26 -1.26
N GLY C 237 -4.64 -11.54 -1.42
CA GLY C 237 -5.98 -11.97 -1.76
C GLY C 237 -6.29 -11.40 -3.13
N GLY C 238 -5.39 -10.58 -3.64
CA GLY C 238 -5.56 -10.03 -4.97
C GLY C 238 -6.92 -9.46 -5.22
N MET C 239 -7.55 -9.88 -6.30
CA MET C 239 -8.84 -9.32 -6.65
C MET C 239 -9.97 -9.92 -5.84
N THR C 240 -9.99 -11.23 -5.69
CA THR C 240 -11.13 -11.83 -5.02
C THR C 240 -11.38 -11.06 -3.74
N ALA C 241 -10.32 -10.83 -2.98
CA ALA C 241 -10.45 -10.12 -1.72
C ALA C 241 -11.00 -8.73 -1.96
N LYS C 242 -10.49 -8.05 -2.97
CA LYS C 242 -10.93 -6.70 -3.24
C LYS C 242 -12.42 -6.72 -3.48
N VAL C 243 -12.87 -7.59 -4.36
CA VAL C 243 -14.29 -7.61 -4.71
C VAL C 243 -15.10 -7.88 -3.46
N LYS C 244 -14.65 -8.82 -2.63
CA LYS C 244 -15.36 -9.11 -1.39
C LYS C 244 -15.49 -7.86 -0.52
N ALA C 245 -14.39 -7.15 -0.30
CA ALA C 245 -14.42 -5.95 0.51
C ALA C 245 -15.42 -4.97 -0.05
N ALA C 246 -15.34 -4.73 -1.35
CA ALA C 246 -16.24 -3.76 -1.96
C ALA C 246 -17.69 -4.16 -1.71
N VAL C 247 -18.01 -5.42 -1.96
CA VAL C 247 -19.38 -5.87 -1.79
C VAL C 247 -19.84 -5.65 -0.36
N ASN C 248 -19.03 -6.05 0.60
CA ASN C 248 -19.42 -5.89 1.99
C ASN C 248 -19.68 -4.43 2.31
N ALA C 249 -18.78 -3.53 1.91
CA ALA C 249 -18.95 -2.12 2.21
C ALA C 249 -20.21 -1.57 1.60
N ALA C 250 -20.51 -1.99 0.38
CA ALA C 250 -21.69 -1.51 -0.29
C ALA C 250 -22.93 -1.95 0.46
N TYR C 251 -22.96 -3.23 0.83
CA TYR C 251 -24.12 -3.75 1.54
C TYR C 251 -24.44 -2.99 2.83
N GLY C 252 -23.43 -2.66 3.63
CA GLY C 252 -23.67 -1.97 4.89
C GLY C 252 -24.24 -0.57 4.76
N GLY C 253 -24.06 0.07 3.60
CA GLY C 253 -24.57 1.41 3.42
C GLY C 253 -23.57 2.41 2.88
N VAL C 254 -22.44 1.90 2.37
CA VAL C 254 -21.38 2.75 1.85
C VAL C 254 -21.16 2.44 0.38
N PRO C 255 -21.50 3.34 -0.54
CA PRO C 255 -21.12 3.15 -1.95
C PRO C 255 -19.60 3.05 -2.09
N VAL C 256 -19.16 2.17 -2.98
CA VAL C 256 -17.75 1.85 -3.15
C VAL C 256 -17.42 1.87 -4.63
N ILE C 257 -16.30 2.51 -4.98
CA ILE C 257 -15.86 2.60 -6.36
C ILE C 257 -14.42 2.13 -6.44
N ILE C 258 -14.14 1.23 -7.38
CA ILE C 258 -12.80 0.72 -7.63
C ILE C 258 -12.24 1.45 -8.85
N THR C 259 -11.02 1.95 -8.75
CA THR C 259 -10.45 2.73 -9.84
C THR C 259 -8.93 2.61 -9.86
N SER C 260 -8.32 2.97 -10.98
CA SER C 260 -6.86 2.93 -11.08
C SER C 260 -6.24 3.96 -10.15
N GLY C 261 -5.01 3.72 -9.73
CA GLY C 261 -4.34 4.63 -8.83
C GLY C 261 -3.04 5.14 -9.41
N TYR C 262 -2.61 4.56 -10.52
CA TYR C 262 -1.38 5.01 -11.16
C TYR C 262 -1.58 6.36 -11.80
N ALA C 263 -2.75 6.97 -11.58
CA ALA C 263 -3.01 8.31 -12.10
C ALA C 263 -3.90 9.03 -11.11
N ALA C 264 -3.32 9.84 -10.23
CA ALA C 264 -4.09 10.49 -9.18
C ALA C 264 -5.25 11.33 -9.69
N GLU C 265 -5.08 11.95 -10.86
CA GLU C 265 -6.13 12.83 -11.37
C GLU C 265 -7.48 12.13 -11.33
N ASN C 266 -7.49 10.84 -11.62
CA ASN C 266 -8.74 10.10 -11.62
C ASN C 266 -9.57 10.38 -10.39
N ILE C 267 -8.93 10.59 -9.24
CA ILE C 267 -9.69 10.76 -8.00
C ILE C 267 -10.66 11.93 -8.11
N SER C 268 -10.23 13.04 -8.73
CA SER C 268 -11.12 14.17 -8.90
C SER C 268 -12.27 13.83 -9.82
N LYS C 269 -12.00 13.04 -10.85
CA LYS C 269 -13.05 12.66 -11.79
C LYS C 269 -14.08 11.80 -11.08
N VAL C 270 -13.62 10.88 -10.25
CA VAL C 270 -14.55 10.05 -9.50
C VAL C 270 -15.36 10.90 -8.55
N LEU C 271 -14.68 11.72 -7.75
CA LEU C 271 -15.38 12.53 -6.76
C LEU C 271 -16.31 13.54 -7.44
N ARG C 272 -15.87 14.13 -8.54
CA ARG C 272 -16.72 15.06 -9.27
C ARG C 272 -17.84 14.33 -9.99
N GLY C 273 -17.57 13.10 -10.41
CA GLY C 273 -18.56 12.33 -11.13
C GLY C 273 -18.36 12.39 -12.62
N LEU C 274 -17.47 11.54 -13.13
CA LEU C 274 -17.22 11.50 -14.57
C LEU C 274 -17.27 10.07 -15.09
N ARG C 275 -18.17 9.26 -14.53
CA ARG C 275 -18.33 7.88 -14.99
C ARG C 275 -17.00 7.17 -15.21
N VAL C 276 -16.12 7.18 -14.22
CA VAL C 276 -14.86 6.45 -14.33
C VAL C 276 -14.78 5.42 -13.21
N GLY C 277 -14.34 4.22 -13.54
CA GLY C 277 -14.24 3.14 -12.59
C GLY C 277 -15.48 2.26 -12.58
N THR C 278 -15.54 1.41 -11.57
CA THR C 278 -16.67 0.50 -11.37
C THR C 278 -17.38 0.85 -10.07
N LEU C 279 -18.71 0.74 -10.09
CA LEU C 279 -19.54 1.11 -8.96
C LEU C 279 -20.06 -0.15 -8.28
N PHE C 280 -19.90 -0.21 -6.96
CA PHE C 280 -20.47 -1.26 -6.12
C PHE C 280 -21.48 -0.56 -5.22
N HIS C 281 -22.71 -0.43 -5.72
CA HIS C 281 -23.75 0.33 -5.04
C HIS C 281 -24.88 -0.59 -4.59
N GLN C 282 -25.40 -0.30 -3.40
CA GLN C 282 -26.54 -1.05 -2.87
C GLN C 282 -27.82 -0.79 -3.64
N ASP C 283 -27.86 0.25 -4.47
CA ASP C 283 -29.01 0.54 -5.33
C ASP C 283 -28.70 -0.02 -6.71
N ALA C 284 -28.92 -1.32 -6.87
CA ALA C 284 -28.69 -2.02 -8.12
C ALA C 284 -29.97 -2.30 -8.89
N HIS C 285 -31.06 -2.62 -8.19
CA HIS C 285 -32.32 -2.91 -8.86
C HIS C 285 -32.90 -1.67 -9.52
N LEU C 286 -32.97 -0.55 -8.79
CA LEU C 286 -33.58 0.67 -9.30
C LEU C 286 -32.54 1.59 -9.94
N TRP C 287 -31.75 1.02 -10.84
CA TRP C 287 -30.73 1.76 -11.57
C TRP C 287 -30.69 1.34 -13.03
N ARG D 71 30.71 -18.26 -9.61
CA ARG D 71 30.52 -18.58 -8.20
C ARG D 71 31.51 -17.83 -7.32
N TYR D 72 32.76 -17.79 -7.75
CA TYR D 72 33.78 -17.07 -6.98
C TYR D 72 34.33 -15.90 -7.77
N ARG D 73 34.81 -16.15 -8.98
CA ARG D 73 35.40 -15.08 -9.76
C ARG D 73 34.45 -13.92 -9.93
N GLN D 74 33.19 -14.23 -10.25
CA GLN D 74 32.21 -13.17 -10.45
C GLN D 74 32.13 -12.29 -9.22
N LEU D 75 31.90 -12.91 -8.07
CA LEU D 75 31.77 -12.15 -6.84
C LEU D 75 33.02 -11.33 -6.61
N VAL D 76 34.17 -11.91 -6.92
CA VAL D 76 35.43 -11.22 -6.67
C VAL D 76 35.54 -9.94 -7.47
N ASN D 77 35.08 -9.95 -8.71
CA ASN D 77 35.22 -8.78 -9.56
C ASN D 77 34.00 -7.86 -9.52
N SER D 78 32.92 -8.32 -8.93
CA SER D 78 31.69 -7.52 -8.88
C SER D 78 31.75 -6.42 -7.83
N SER D 79 30.81 -5.49 -7.87
CA SER D 79 30.78 -4.39 -6.91
C SER D 79 29.70 -4.61 -5.86
N PHE D 80 29.92 -4.11 -4.65
CA PHE D 80 28.95 -4.29 -3.58
C PHE D 80 27.56 -3.97 -4.09
N ALA D 81 27.45 -2.89 -4.84
CA ALA D 81 26.16 -2.52 -5.42
C ALA D 81 25.62 -3.69 -6.22
N ASP D 82 26.44 -4.24 -7.11
CA ASP D 82 26.01 -5.33 -7.96
C ASP D 82 25.43 -6.49 -7.15
N LEU D 83 26.06 -6.81 -6.03
CA LEU D 83 25.60 -7.94 -5.23
C LEU D 83 24.17 -7.72 -4.79
N GLN D 84 23.75 -6.47 -4.74
CA GLN D 84 22.38 -6.15 -4.37
C GLN D 84 21.46 -6.41 -5.55
N LYS D 85 22.03 -6.55 -6.73
CA LYS D 85 21.23 -6.82 -7.93
C LYS D 85 19.90 -6.05 -7.90
#